data_1I9V
#
_entry.id   1I9V
#
_cell.length_a   54.900
_cell.length_b   32.900
_cell.length_c   63.100
_cell.angle_alpha   90.00
_cell.angle_beta   90.50
_cell.angle_gamma   90.00
#
_symmetry.space_group_name_H-M   'P 1 21 1'
#
loop_
_entity.id
_entity.type
_entity.pdbx_description
1 polymer 'PHENYLALANINE TRANSFER RNA'
2 non-polymer NEOMYCIN
3 non-polymer 'MAGNESIUM ION'
4 water water
#
_entity_poly.entity_id   1
_entity_poly.type   'polyribonucleotide'
_entity_poly.pdbx_seq_one_letter_code
;GCGGAUUUAGCUCAGUUGGGAGAGCGCCAGACUGAA(YG)AUCUGGAGGUCCUGUG(5MU)UCGAUCCACAGAAUUCGCA
CCA
;
_entity_poly.pdbx_strand_id   A
#
loop_
_chem_comp.id
_chem_comp.type
_chem_comp.name
_chem_comp.formula
5MU RNA linking '5-METHYLURIDINE 5'-MONOPHOSPHATE' 'C10 H15 N2 O9 P'
A RNA linking ADENOSINE-5'-MONOPHOSPHATE 'C10 H14 N5 O7 P'
C RNA linking CYTIDINE-5'-MONOPHOSPHATE 'C9 H14 N3 O8 P'
G RNA linking GUANOSINE-5'-MONOPHOSPHATE 'C10 H14 N5 O8 P'
MG non-polymer 'MAGNESIUM ION' 'Mg 2'
NMY non-polymer NEOMYCIN 'C23 H46 N6 O13'
U RNA linking URIDINE-5'-MONOPHOSPHATE 'C9 H13 N2 O9 P'
YG RNA linking WYBUTOSINE 'C21 H29 N6 O12 P'
#
# COMPACT_ATOMS: atom_id res chain seq x y z
N1 YG A 37 17.59 16.95 3.63
N2 YG A 37 18.91 16.91 1.76
C2 YG A 37 17.73 17.28 2.33
N3 YG A 37 16.76 17.95 1.55
C3 YG A 37 17.04 18.26 0.12
C4 YG A 37 15.55 18.27 2.32
C5 YG A 37 15.50 17.88 3.70
C6 YG A 37 16.53 17.21 4.34
O6 YG A 37 16.38 16.93 5.53
N7 YG A 37 14.30 18.25 4.24
C8 YG A 37 13.59 18.87 3.24
N9 YG A 37 14.36 18.90 2.03
C10 YG A 37 21.01 15.71 2.50
C11 YG A 37 19.59 16.26 2.81
C12 YG A 37 18.80 16.27 4.00
C13 YG A 37 19.16 15.68 5.38
C14 YG A 37 19.97 16.71 6.16
C15 YG A 37 21.45 16.36 6.39
C16 YG A 37 22.07 17.56 7.18
O17 YG A 37 22.01 18.69 6.57
O18 YG A 37 22.55 17.34 8.34
C19 YG A 37 23.08 18.53 8.96
N20 YG A 37 22.27 16.21 5.14
C21 YG A 37 23.60 15.87 5.08
O22 YG A 37 24.06 15.04 5.93
O23 YG A 37 24.28 16.42 4.14
C24 YG A 37 25.69 16.03 4.08
C1' YG A 37 13.97 19.46 0.69
C2' YG A 37 13.50 18.24 -0.03
O2' YG A 37 14.14 17.82 -1.23
C3' YG A 37 12.07 18.45 -0.15
O3' YG A 37 11.46 17.74 -1.08
C4' YG A 37 11.69 19.90 0.01
O4' YG A 37 12.87 20.49 0.64
C5' YG A 37 10.38 20.03 0.87
O5' YG A 37 10.63 19.29 2.08
P YG A 37 9.57 19.10 3.26
OP1 YG A 37 8.36 18.43 2.62
OP2 YG A 37 10.25 18.32 4.39
N1 5MU A 54 -19.78 -21.06 -14.86
C2 5MU A 54 -18.50 -20.69 -14.54
N3 5MU A 54 -18.41 -19.67 -13.63
C4 5MU A 54 -19.45 -18.97 -13.05
C5 5MU A 54 -20.77 -19.41 -13.43
C5M 5MU A 54 -21.96 -18.72 -12.84
C6 5MU A 54 -20.88 -20.41 -14.31
O2 5MU A 54 -17.52 -21.25 -15.01
O4 5MU A 54 -19.21 -18.05 -12.27
C1' 5MU A 54 -19.96 -22.18 -15.79
C2' 5MU A 54 -19.87 -23.51 -15.05
O2' 5MU A 54 -19.25 -24.48 -15.86
C3' 5MU A 54 -21.34 -23.78 -14.73
C4' 5MU A 54 -22.03 -23.26 -15.98
O3' 5MU A 54 -21.63 -25.14 -14.51
O4' 5MU A 54 -21.27 -22.09 -16.34
C5' 5MU A 54 -23.51 -22.95 -15.86
O5' 5MU A 54 -23.78 -22.24 -14.65
P 5MU A 54 -25.25 -21.76 -14.30
OP1 5MU A 54 -26.18 -22.91 -14.42
OP2 5MU A 54 -25.23 -20.95 -13.04
C1 NMY B . -2.88 -2.09 2.93
O1 NMY B . -4.23 -2.48 3.11
C2 NMY B . -1.90 -3.16 3.39
N2 NMY B . -2.16 -3.43 4.85
C3 NMY B . -0.41 -2.71 3.18
O3 NMY B . 0.17 -2.26 4.42
C4 NMY B . -0.10 -1.71 1.98
O4 NMY B . 0.91 -0.78 2.37
C5 NMY B . -1.33 -0.90 1.44
O5 NMY B . -2.59 -1.78 1.46
C6 NMY B . -1.05 -0.39 0.01
C7 NMY B . -7.72 -0.77 4.58
N7 NMY B . -8.84 -0.06 5.24
C12 NMY B . -6.95 -1.60 5.61
C11 NMY B . -5.86 -2.46 4.91
O11 NMY B . -5.09 -3.23 5.88
C10 NMY B . -4.90 -1.58 4.01
C9 NMY B . -5.70 -0.50 3.15
N9 NMY B . -4.80 0.49 2.52
C8 NMY B . -6.76 0.26 3.96
C13 NMY B . -5.22 -4.64 5.59
C14 NMY B . -4.55 -5.53 6.64
C15 NMY B . -5.36 -6.85 6.64
C16 NMY B . -6.67 -6.48 5.88
O16 NMY B . -6.62 -5.04 5.64
C17 NMY B . -7.96 -6.86 6.66
C21 NMY B . -6.00 -11.95 6.23
C20 NMY B . -6.64 -11.11 5.06
C19 NMY B . -6.09 -9.66 4.95
C18 NMY B . -5.16 -9.28 6.15
O18 NMY B . -4.60 -7.92 5.95
C22 NMY B . -4.43 -11.83 6.20
O22 NMY B . -3.99 -10.33 6.28
C23 NMY B . -3.80 -12.67 7.36
N6 NMY B . -0.26 0.88 0.09
O14 NMY B . -4.63 -4.93 7.93
O20 NMY B . -8.05 -11.03 5.18
O21 NMY B . -6.53 -11.56 7.51
O17 NMY B . -8.61 -7.97 6.00
O12 NMY B . -7.86 -2.46 6.27
N19 NMY B . -3.73 -14.10 6.98
N23 NMY B . -5.40 -9.52 3.67
MG MG C . -11.86 -12.60 -0.61
MG MG D . -4.56 -16.12 -7.68
MG MG E . -6.18 4.57 -14.70
#